data_5IZZ
#
_entry.id   5IZZ
#
_cell.length_a   39.784
_cell.length_b   84.275
_cell.length_c   45.910
_cell.angle_alpha   90.000
_cell.angle_beta   113.480
_cell.angle_gamma   90.000
#
_symmetry.space_group_name_H-M   'P 1 21 1'
#
loop_
_entity.id
_entity.type
_entity.pdbx_description
1 polymer 'TRAP TRANSPORTER SOLUTE BINDING PROTEIN'
2 non-polymer 3-HYDROXYPHENYLACETATE
3 non-polymer DI(HYDROXYETHYL)ETHER
4 water water
#
_entity_poly.entity_id   1
_entity_poly.type   'polypeptide(L)'
_entity_poly.pdbx_seq_one_letter_code
;MHHHHHHSSGVDLGTENLYFQSMEVVLKFHSFPPMPANSNAKFVKPWSEKVLAESNGEIKVEIYPAMQLGGKPPQLVDQV
RDGVVDIVWTVAGYTPGRFPHLEAFELPFMPASAEATSQALQEYVDTVAASDLKDYKVLAVFCHAPGKIHTKEKVIASAA
DLNGMKMRGPTRVITKMLEGLGATPVGMPVPAVAGALSKGVIDGMVVPWEIMPSFKLHELTAAHTTVSGSRGLYTTPFLF
LMNKAKYESLSDEHKKVIDNNAGLALAKLAGQLWDGFEVPARKLALDAGGTIHSLSGGPLAEMKAAGEGLEADWIKSAND
RGLDGAMLVKTAKDLISKYDK
;
_entity_poly.pdbx_strand_id   A
#
# COMPACT_ATOMS: atom_id res chain seq x y z
N GLU A 24 18.77 -0.63 -27.67
CA GLU A 24 17.39 -0.46 -27.22
C GLU A 24 16.91 -1.64 -26.38
N VAL A 25 16.10 -1.32 -25.38
CA VAL A 25 15.67 -2.30 -24.40
C VAL A 25 14.21 -2.00 -24.09
N VAL A 26 13.34 -3.00 -24.31
CA VAL A 26 11.94 -2.89 -23.91
C VAL A 26 11.74 -3.58 -22.58
N LEU A 27 11.05 -2.90 -21.66
CA LEU A 27 10.71 -3.47 -20.36
C LEU A 27 9.20 -3.52 -20.25
N LYS A 28 8.68 -4.69 -19.92
CA LYS A 28 7.26 -4.89 -19.73
C LYS A 28 6.91 -4.62 -18.27
N PHE A 29 6.09 -3.60 -18.04
CA PHE A 29 5.55 -3.28 -16.72
C PHE A 29 4.14 -3.85 -16.61
N HIS A 30 3.84 -4.47 -15.48
CA HIS A 30 2.54 -5.07 -15.24
C HIS A 30 2.01 -4.65 -13.88
N SER A 31 0.71 -4.33 -13.81
CA SER A 31 0.08 -4.01 -12.53
C SER A 31 -1.42 -4.23 -12.64
N PHE A 32 -2.10 -4.15 -11.48
CA PHE A 32 -3.53 -4.46 -11.41
C PHE A 32 -4.49 -3.27 -11.51
N PRO A 33 -4.18 -2.05 -11.07
CA PRO A 33 -5.17 -0.97 -11.21
C PRO A 33 -5.35 -0.59 -12.67
N PRO A 34 -6.50 0.00 -13.02
CA PRO A 34 -6.71 0.46 -14.40
C PRO A 34 -5.81 1.63 -14.74
N MET A 35 -5.69 1.94 -16.02
N MET A 35 -5.72 1.90 -16.03
CA MET A 35 -4.72 2.94 -16.42
CA MET A 35 -4.85 2.94 -16.57
C MET A 35 -4.93 4.29 -15.75
C MET A 35 -4.97 4.28 -15.84
N PRO A 36 -6.16 4.78 -15.52
CA PRO A 36 -6.27 6.11 -14.89
C PRO A 36 -5.89 6.17 -13.41
N ALA A 37 -5.74 5.04 -12.74
CA ALA A 37 -5.36 5.09 -11.34
C ALA A 37 -4.03 5.81 -11.16
N ASN A 38 -3.87 6.49 -10.02
CA ASN A 38 -2.67 7.28 -9.79
C ASN A 38 -1.40 6.47 -9.90
N SER A 39 -1.41 5.21 -9.41
CA SER A 39 -0.20 4.42 -9.47
C SER A 39 0.31 4.29 -10.89
N ASN A 40 -0.58 4.25 -11.88
CA ASN A 40 -0.16 4.19 -13.28
C ASN A 40 0.01 5.59 -13.85
N ALA A 41 -1.06 6.38 -13.87
CA ALA A 41 -1.06 7.64 -14.61
C ALA A 41 -0.16 8.69 -13.99
N LYS A 42 0.04 8.65 -12.66
CA LYS A 42 0.75 9.72 -11.96
C LYS A 42 1.98 9.20 -11.24
N PHE A 43 2.35 7.94 -11.44
CA PHE A 43 3.58 7.44 -10.87
C PHE A 43 4.37 6.64 -11.92
N VAL A 44 3.88 5.48 -12.35
CA VAL A 44 4.69 4.66 -13.28
C VAL A 44 4.82 5.34 -14.63
N LYS A 45 3.77 6.03 -15.11
CA LYS A 45 3.87 6.69 -16.41
C LYS A 45 4.94 7.78 -16.39
N PRO A 46 4.91 8.75 -15.49
CA PRO A 46 6.00 9.75 -15.49
C PRO A 46 7.36 9.15 -15.15
N TRP A 47 7.41 8.11 -14.31
CA TRP A 47 8.66 7.40 -14.09
C TRP A 47 9.22 6.86 -15.40
N SER A 48 8.35 6.23 -16.20
N SER A 48 8.36 6.21 -16.19
CA SER A 48 8.79 5.64 -17.47
CA SER A 48 8.82 5.65 -17.46
C SER A 48 9.22 6.71 -18.46
C SER A 48 9.30 6.75 -18.39
N GLU A 49 8.62 7.91 -18.37
CA GLU A 49 9.02 9.00 -19.26
C GLU A 49 10.40 9.53 -18.87
N LYS A 50 10.70 9.58 -17.59
CA LYS A 50 12.02 9.98 -17.14
C LYS A 50 13.06 8.96 -17.57
N VAL A 51 12.73 7.68 -17.43
CA VAL A 51 13.68 6.64 -17.81
C VAL A 51 13.93 6.70 -19.31
N LEU A 52 12.88 6.94 -20.11
CA LEU A 52 13.03 7.04 -21.55
C LEU A 52 13.96 8.19 -21.92
N ALA A 53 13.68 9.38 -21.38
CA ALA A 53 14.45 10.56 -21.76
C ALA A 53 15.90 10.42 -21.32
N GLU A 54 16.13 9.94 -20.10
CA GLU A 54 17.49 9.90 -19.55
C GLU A 54 18.34 8.82 -20.18
N SER A 55 17.71 7.81 -20.78
CA SER A 55 18.43 6.80 -21.55
C SER A 55 18.52 7.16 -23.04
N ASN A 56 18.29 8.42 -23.40
CA ASN A 56 18.43 8.87 -24.79
C ASN A 56 17.47 8.11 -25.71
N GLY A 57 16.31 7.71 -25.17
CA GLY A 57 15.31 7.01 -25.93
C GLY A 57 15.46 5.51 -25.98
N GLU A 58 16.38 4.93 -25.22
CA GLU A 58 16.77 3.53 -25.39
C GLU A 58 16.02 2.56 -24.48
N ILE A 59 15.63 2.97 -23.29
CA ILE A 59 14.88 2.12 -22.37
C ILE A 59 13.41 2.48 -22.51
N LYS A 60 12.64 1.56 -23.08
CA LYS A 60 11.24 1.78 -23.38
C LYS A 60 10.40 0.90 -22.48
N VAL A 61 9.74 1.50 -21.48
CA VAL A 61 8.85 0.79 -20.59
C VAL A 61 7.45 0.78 -21.19
N GLU A 62 6.90 -0.42 -21.39
CA GLU A 62 5.51 -0.56 -21.82
C GLU A 62 4.64 -0.84 -20.61
N ILE A 63 3.57 -0.07 -20.45
CA ILE A 63 2.72 -0.13 -19.27
C ILE A 63 1.45 -0.95 -19.55
N TYR A 64 1.31 -2.07 -18.84
CA TYR A 64 0.14 -2.93 -18.99
C TYR A 64 -0.64 -2.92 -17.69
N PRO A 65 -1.69 -2.10 -17.58
CA PRO A 65 -2.49 -2.03 -16.38
C PRO A 65 -3.53 -3.14 -16.40
N ALA A 66 -4.32 -3.18 -15.33
CA ALA A 66 -5.52 -4.02 -15.27
C ALA A 66 -5.21 -5.49 -15.58
N MET A 67 -4.06 -5.97 -15.11
CA MET A 67 -3.64 -7.35 -15.34
C MET A 67 -3.73 -7.77 -16.81
N GLN A 68 -3.41 -6.83 -17.72
CA GLN A 68 -3.57 -7.07 -19.15
C GLN A 68 -2.57 -8.08 -19.72
N LEU A 69 -1.59 -8.54 -18.96
CA LEU A 69 -0.70 -9.60 -19.42
C LEU A 69 -1.01 -10.94 -18.77
N GLY A 70 -2.11 -11.04 -18.04
CA GLY A 70 -2.57 -12.31 -17.52
C GLY A 70 -2.35 -12.44 -16.02
N GLY A 71 -3.19 -13.26 -15.39
CA GLY A 71 -3.04 -13.54 -13.97
C GLY A 71 -3.88 -12.63 -13.11
N LYS A 72 -3.83 -12.92 -11.81
CA LYS A 72 -4.51 -12.15 -10.79
C LYS A 72 -3.50 -11.38 -9.94
N PRO A 73 -3.94 -10.37 -9.18
CA PRO A 73 -2.98 -9.43 -8.55
C PRO A 73 -1.94 -10.11 -7.68
N PRO A 74 -2.28 -11.12 -6.88
CA PRO A 74 -1.23 -11.77 -6.08
C PRO A 74 -0.12 -12.38 -6.92
N GLN A 75 -0.36 -12.62 -8.21
CA GLN A 75 0.65 -13.27 -9.02
C GLN A 75 1.70 -12.28 -9.53
N LEU A 76 1.48 -10.98 -9.35
CA LEU A 76 2.44 -10.03 -9.87
C LEU A 76 3.83 -10.27 -9.31
N VAL A 77 3.96 -10.60 -8.02
CA VAL A 77 5.30 -10.80 -7.48
C VAL A 77 5.97 -12.02 -8.08
N ASP A 78 5.21 -13.10 -8.32
CA ASP A 78 5.79 -14.25 -9.00
C ASP A 78 6.24 -13.88 -10.41
N GLN A 79 5.41 -13.13 -11.13
CA GLN A 79 5.73 -12.79 -12.50
C GLN A 79 7.05 -12.02 -12.58
N VAL A 80 7.22 -11.04 -11.70
CA VAL A 80 8.44 -10.24 -11.76
C VAL A 80 9.63 -11.02 -11.23
N ARG A 81 9.43 -11.86 -10.21
CA ARG A 81 10.53 -12.67 -9.68
C ARG A 81 11.10 -13.58 -10.76
N ASP A 82 10.21 -14.23 -11.52
CA ASP A 82 10.61 -15.28 -12.44
C ASP A 82 10.82 -14.77 -13.86
N GLY A 83 10.58 -13.49 -14.11
CA GLY A 83 10.88 -12.91 -15.41
C GLY A 83 9.77 -13.06 -16.42
N VAL A 84 8.57 -13.35 -15.98
CA VAL A 84 7.42 -13.30 -16.88
C VAL A 84 7.22 -11.87 -17.38
N VAL A 85 7.39 -10.90 -16.49
CA VAL A 85 7.39 -9.49 -16.81
C VAL A 85 8.66 -8.88 -16.20
N ASP A 86 8.94 -7.62 -16.55
CA ASP A 86 10.18 -6.97 -16.11
C ASP A 86 10.02 -6.09 -14.89
N ILE A 87 8.85 -5.47 -14.72
CA ILE A 87 8.62 -4.50 -13.65
C ILE A 87 7.18 -4.66 -13.20
N VAL A 88 6.94 -4.59 -11.89
CA VAL A 88 5.57 -4.55 -11.39
C VAL A 88 5.47 -3.50 -10.30
N TRP A 89 4.23 -3.04 -10.09
CA TRP A 89 3.83 -2.31 -8.89
C TRP A 89 2.71 -3.11 -8.25
N THR A 90 2.83 -3.41 -6.95
CA THR A 90 1.83 -4.25 -6.32
C THR A 90 1.82 -3.98 -4.81
N VAL A 91 0.93 -4.69 -4.12
CA VAL A 91 0.74 -4.62 -2.67
C VAL A 91 1.35 -5.87 -2.08
N ALA A 92 2.34 -5.68 -1.21
CA ALA A 92 3.08 -6.82 -0.66
C ALA A 92 2.14 -7.85 -0.02
N GLY A 93 1.18 -7.38 0.78
CA GLY A 93 0.28 -8.30 1.51
C GLY A 93 -0.77 -9.00 0.68
N TYR A 94 -0.83 -8.75 -0.64
CA TYR A 94 -1.75 -9.53 -1.47
C TYR A 94 -1.29 -10.98 -1.54
N THR A 95 -0.04 -11.23 -1.15
CA THR A 95 0.51 -12.58 -1.02
C THR A 95 0.83 -12.76 0.46
N PRO A 96 -0.08 -13.30 1.27
CA PRO A 96 0.12 -13.32 2.72
C PRO A 96 1.38 -14.10 3.11
N GLY A 97 2.14 -13.52 4.03
CA GLY A 97 3.32 -14.14 4.59
C GLY A 97 4.56 -14.11 3.71
N ARG A 98 4.46 -13.62 2.48
CA ARG A 98 5.60 -13.69 1.57
C ARG A 98 6.69 -12.68 1.92
N PHE A 99 6.32 -11.54 2.49
CA PHE A 99 7.25 -10.48 2.84
C PHE A 99 7.04 -10.16 4.31
N PRO A 100 7.46 -11.08 5.19
CA PRO A 100 7.04 -10.99 6.59
C PRO A 100 7.57 -9.77 7.33
N HIS A 101 8.79 -9.31 7.02
CA HIS A 101 9.30 -8.12 7.69
C HIS A 101 8.40 -6.93 7.43
N LEU A 102 7.86 -6.82 6.22
CA LEU A 102 7.10 -5.62 5.89
C LEU A 102 5.79 -5.54 6.67
N GLU A 103 5.33 -6.65 7.24
CA GLU A 103 4.08 -6.65 8.01
C GLU A 103 4.15 -5.69 9.19
N ALA A 104 5.35 -5.45 9.73
CA ALA A 104 5.48 -4.57 10.87
C ALA A 104 4.91 -3.20 10.57
N PHE A 105 4.98 -2.78 9.32
CA PHE A 105 4.56 -1.45 8.90
C PHE A 105 3.07 -1.36 8.69
N GLU A 106 2.38 -2.50 8.76
CA GLU A 106 0.93 -2.58 8.64
C GLU A 106 0.20 -2.52 9.96
N LEU A 107 0.91 -2.42 11.06
CA LEU A 107 0.29 -2.52 12.37
C LEU A 107 -0.52 -1.25 12.67
N PRO A 108 -1.51 -1.36 13.56
CA PRO A 108 -2.38 -0.21 13.83
C PRO A 108 -1.61 0.98 14.38
N PHE A 109 -1.92 2.15 13.84
CA PHE A 109 -1.38 3.44 14.29
C PHE A 109 0.13 3.53 14.16
N MET A 110 0.72 2.71 13.27
CA MET A 110 2.13 2.82 12.90
C MET A 110 2.42 4.03 12.01
N PRO A 111 1.60 4.37 11.02
CA PRO A 111 2.09 5.29 9.98
C PRO A 111 1.89 6.77 10.29
N ALA A 112 2.87 7.56 9.85
CA ALA A 112 2.74 9.01 9.73
C ALA A 112 2.34 9.32 8.30
N SER A 113 2.77 10.46 7.74
CA SER A 113 2.52 10.71 6.33
C SER A 113 3.11 9.60 5.47
N ALA A 114 2.61 9.48 4.25
CA ALA A 114 3.21 8.53 3.32
C ALA A 114 4.66 8.91 3.01
N GLU A 115 4.95 10.21 2.97
CA GLU A 115 6.32 10.65 2.72
C GLU A 115 7.26 10.13 3.79
N ALA A 116 6.90 10.29 5.07
CA ALA A 116 7.79 9.85 6.14
C ALA A 116 7.83 8.33 6.21
N THR A 117 6.66 7.70 6.11
CA THR A 117 6.57 6.26 6.31
C THR A 117 7.20 5.52 5.15
N SER A 118 7.16 6.11 3.95
CA SER A 118 7.78 5.50 2.78
C SER A 118 9.28 5.52 2.88
N GLN A 119 9.84 6.65 3.34
CA GLN A 119 11.28 6.69 3.57
C GLN A 119 11.69 5.66 4.62
N ALA A 120 10.91 5.52 5.69
CA ALA A 120 11.20 4.52 6.71
C ALA A 120 11.19 3.12 6.09
N LEU A 121 10.18 2.83 5.28
CA LEU A 121 10.08 1.53 4.62
C LEU A 121 11.31 1.23 3.78
N GLN A 122 11.75 2.21 3.00
CA GLN A 122 12.89 1.96 2.12
C GLN A 122 14.17 1.74 2.91
N GLU A 123 14.41 2.55 3.95
CA GLU A 123 15.60 2.31 4.76
C GLU A 123 15.52 0.96 5.46
N TYR A 124 14.32 0.58 5.91
CA TYR A 124 14.09 -0.75 6.49
C TYR A 124 14.48 -1.85 5.52
N VAL A 125 13.97 -1.78 4.28
CA VAL A 125 14.31 -2.76 3.26
C VAL A 125 15.80 -2.71 2.91
N ASP A 126 16.42 -1.53 2.96
CA ASP A 126 17.86 -1.43 2.66
C ASP A 126 18.70 -2.07 3.74
N THR A 127 18.13 -2.27 4.94
CA THR A 127 18.89 -2.71 6.11
C THR A 127 18.27 -4.00 6.63
N VAL A 128 17.45 -3.96 7.70
CA VAL A 128 17.10 -5.16 8.43
C VAL A 128 16.14 -6.08 7.68
N ALA A 129 15.39 -5.54 6.72
CA ALA A 129 14.37 -6.30 6.00
C ALA A 129 14.84 -6.75 4.62
N ALA A 130 16.14 -6.64 4.32
CA ALA A 130 16.59 -6.88 2.96
C ALA A 130 16.30 -8.30 2.48
N SER A 131 16.27 -9.28 3.39
CA SER A 131 16.07 -10.66 2.96
C SER A 131 14.70 -10.86 2.32
N ASP A 132 13.71 -10.04 2.67
CA ASP A 132 12.39 -10.20 2.06
C ASP A 132 12.47 -10.00 0.55
N LEU A 133 13.41 -9.18 0.07
CA LEU A 133 13.41 -8.72 -1.31
C LEU A 133 14.69 -9.08 -2.05
N LYS A 134 15.47 -10.01 -1.48
CA LYS A 134 16.75 -10.37 -2.06
C LYS A 134 16.61 -10.98 -3.45
N ASP A 135 15.46 -11.54 -3.78
CA ASP A 135 15.27 -12.19 -5.09
C ASP A 135 14.85 -11.20 -6.17
N TYR A 136 14.83 -9.90 -5.87
CA TYR A 136 14.32 -8.86 -6.75
C TYR A 136 15.32 -7.72 -6.84
N LYS A 137 15.19 -6.92 -7.91
CA LYS A 137 15.76 -5.57 -7.93
C LYS A 137 14.71 -4.63 -7.35
N VAL A 138 15.02 -4.01 -6.23
CA VAL A 138 14.11 -3.06 -5.59
C VAL A 138 14.25 -1.73 -6.31
N LEU A 139 13.14 -1.24 -6.85
CA LEU A 139 13.11 0.16 -7.31
C LEU A 139 12.71 1.05 -6.15
N ALA A 140 11.61 0.74 -5.47
CA ALA A 140 11.31 1.39 -4.20
C ALA A 140 10.23 0.59 -3.50
N VAL A 141 10.26 0.64 -2.17
CA VAL A 141 9.16 0.20 -1.33
C VAL A 141 8.62 1.43 -0.65
N PHE A 142 7.29 1.60 -0.69
CA PHE A 142 6.68 2.81 -0.16
C PHE A 142 5.24 2.47 0.23
N CYS A 143 4.42 3.47 0.56
CA CYS A 143 3.09 3.18 1.06
C CYS A 143 2.15 4.34 0.78
N HIS A 144 0.87 4.11 1.07
CA HIS A 144 -0.13 5.16 0.89
C HIS A 144 -0.30 5.98 2.18
N ALA A 145 -0.93 7.14 2.03
CA ALA A 145 -1.29 7.92 3.21
C ALA A 145 -2.20 7.05 4.08
N PRO A 146 -2.23 7.26 5.39
CA PRO A 146 -2.95 6.31 6.25
C PRO A 146 -4.39 6.11 5.77
N GLY A 147 -4.83 4.86 5.78
CA GLY A 147 -6.13 4.55 5.24
C GLY A 147 -7.26 5.04 6.13
N LYS A 148 -8.44 5.15 5.50
CA LYS A 148 -9.66 5.59 6.15
C LYS A 148 -10.68 4.46 6.15
N ILE A 149 -11.75 4.64 6.94
CA ILE A 149 -12.81 3.66 7.12
C ILE A 149 -14.03 4.14 6.35
N HIS A 150 -14.53 3.30 5.44
CA HIS A 150 -15.62 3.66 4.54
C HIS A 150 -16.75 2.65 4.69
N THR A 151 -17.97 3.16 4.76
CA THR A 151 -19.15 2.32 4.86
C THR A 151 -20.25 2.87 3.96
N LYS A 152 -21.21 2.01 3.63
CA LYS A 152 -22.31 2.45 2.79
C LYS A 152 -23.08 3.60 3.42
N GLU A 153 -23.56 3.40 4.67
CA GLU A 153 -24.40 4.38 5.35
C GLU A 153 -24.04 4.60 6.82
N LYS A 154 -23.45 3.64 7.52
CA LYS A 154 -23.31 3.74 8.98
C LYS A 154 -22.05 4.54 9.32
N VAL A 155 -22.24 5.64 10.06
CA VAL A 155 -21.09 6.40 10.56
C VAL A 155 -20.35 5.55 11.58
N ILE A 156 -19.03 5.51 11.47
CA ILE A 156 -18.17 4.82 12.41
C ILE A 156 -17.58 5.87 13.34
N ALA A 157 -18.19 6.01 14.51
CA ALA A 157 -17.76 6.97 15.52
C ALA A 157 -17.06 6.30 16.69
N SER A 158 -17.13 4.97 16.77
CA SER A 158 -16.42 4.19 17.78
C SER A 158 -16.33 2.77 17.27
N ALA A 159 -15.52 1.95 17.95
CA ALA A 159 -15.41 0.55 17.56
C ALA A 159 -16.77 -0.15 17.61
N ALA A 160 -17.64 0.21 18.56
CA ALA A 160 -18.96 -0.41 18.64
C ALA A 160 -19.71 -0.30 17.33
N ASP A 161 -19.46 0.76 16.56
CA ASP A 161 -20.22 0.94 15.33
C ASP A 161 -19.82 -0.09 14.28
N LEU A 162 -18.69 -0.76 14.45
CA LEU A 162 -18.30 -1.80 13.51
C LEU A 162 -18.99 -3.13 13.77
N ASN A 163 -19.71 -3.28 14.88
CA ASN A 163 -20.33 -4.55 15.18
C ASN A 163 -21.34 -4.91 14.11
N GLY A 164 -21.21 -6.13 13.56
CA GLY A 164 -22.08 -6.59 12.52
C GLY A 164 -21.75 -6.08 11.13
N MET A 165 -20.68 -5.30 10.99
CA MET A 165 -20.30 -4.75 9.70
C MET A 165 -19.25 -5.65 9.05
N LYS A 166 -19.56 -6.12 7.85
CA LYS A 166 -18.62 -6.89 7.05
C LYS A 166 -17.67 -5.91 6.37
N MET A 167 -16.42 -5.87 6.83
CA MET A 167 -15.48 -4.84 6.40
C MET A 167 -14.29 -5.49 5.70
N ARG A 168 -13.99 -4.97 4.53
CA ARG A 168 -12.85 -5.44 3.74
C ARG A 168 -11.56 -4.79 4.18
N GLY A 169 -10.49 -5.59 4.22
CA GLY A 169 -9.14 -5.09 4.26
C GLY A 169 -8.30 -5.72 3.16
N PRO A 170 -7.13 -5.13 2.93
CA PRO A 170 -6.27 -5.55 1.80
C PRO A 170 -5.33 -6.71 2.09
N THR A 171 -5.06 -6.99 3.36
CA THR A 171 -4.04 -7.96 3.75
C THR A 171 -4.47 -8.62 5.03
N ARG A 172 -3.76 -9.69 5.39
CA ARG A 172 -4.06 -10.42 6.61
C ARG A 172 -3.82 -9.58 7.85
N VAL A 173 -2.78 -8.74 7.85
CA VAL A 173 -2.56 -7.93 9.03
C VAL A 173 -3.68 -6.92 9.19
N ILE A 174 -4.17 -6.35 8.09
CA ILE A 174 -5.22 -5.34 8.21
C ILE A 174 -6.56 -5.99 8.50
N THR A 175 -6.85 -7.18 7.95
CA THR A 175 -8.09 -7.83 8.36
C THR A 175 -8.03 -8.25 9.82
N LYS A 176 -6.84 -8.56 10.34
CA LYS A 176 -6.70 -8.86 11.76
C LYS A 176 -7.00 -7.61 12.59
N MET A 177 -6.59 -6.44 12.09
CA MET A 177 -6.95 -5.19 12.77
C MET A 177 -8.45 -5.00 12.78
N LEU A 178 -9.10 -5.24 11.64
CA LEU A 178 -10.55 -5.09 11.57
C LEU A 178 -11.24 -6.02 12.56
N GLU A 179 -10.75 -7.26 12.66
CA GLU A 179 -11.23 -8.20 13.66
C GLU A 179 -11.10 -7.62 15.06
N GLY A 180 -9.93 -7.08 15.37
CA GLY A 180 -9.66 -6.58 16.71
C GLY A 180 -10.46 -5.35 17.07
N LEU A 181 -10.92 -4.59 16.06
CA LEU A 181 -11.77 -3.43 16.28
C LEU A 181 -13.25 -3.77 16.32
N GLY A 182 -13.62 -5.04 16.12
CA GLY A 182 -14.99 -5.49 16.27
C GLY A 182 -15.74 -5.71 14.98
N ALA A 183 -15.09 -5.57 13.83
CA ALA A 183 -15.78 -5.80 12.56
C ALA A 183 -15.80 -7.29 12.23
N THR A 184 -16.55 -7.61 11.18
CA THR A 184 -16.59 -8.94 10.61
C THR A 184 -15.67 -8.93 9.40
N PRO A 185 -14.47 -9.52 9.47
CA PRO A 185 -13.41 -9.20 8.50
C PRO A 185 -13.50 -10.02 7.21
N VAL A 186 -13.17 -9.34 6.10
CA VAL A 186 -13.15 -9.91 4.75
C VAL A 186 -11.91 -9.39 4.04
N GLY A 187 -11.23 -10.25 3.29
CA GLY A 187 -10.06 -9.84 2.51
C GLY A 187 -10.30 -9.96 1.02
N MET A 188 -9.76 -9.01 0.27
CA MET A 188 -9.73 -9.09 -1.20
C MET A 188 -8.87 -7.95 -1.74
N PRO A 189 -8.27 -8.11 -2.91
CA PRO A 189 -7.60 -6.96 -3.55
C PRO A 189 -8.58 -5.87 -3.93
N VAL A 190 -8.07 -4.66 -4.11
CA VAL A 190 -8.97 -3.51 -4.25
C VAL A 190 -9.85 -3.56 -5.51
N PRO A 191 -9.46 -4.18 -6.64
CA PRO A 191 -10.39 -4.20 -7.79
C PRO A 191 -11.66 -4.99 -7.52
N ALA A 192 -11.67 -5.82 -6.49
CA ALA A 192 -12.83 -6.63 -6.18
C ALA A 192 -13.83 -5.91 -5.28
N VAL A 193 -13.43 -4.79 -4.67
CA VAL A 193 -14.23 -4.16 -3.63
C VAL A 193 -15.56 -3.62 -4.18
N ALA A 194 -15.57 -2.98 -5.35
CA ALA A 194 -16.82 -2.40 -5.83
C ALA A 194 -17.87 -3.47 -6.07
N GLY A 195 -17.47 -4.57 -6.70
CA GLY A 195 -18.42 -5.62 -6.95
C GLY A 195 -18.93 -6.23 -5.66
N ALA A 196 -18.06 -6.37 -4.65
CA ALA A 196 -18.47 -6.94 -3.38
C ALA A 196 -19.46 -6.03 -2.65
N LEU A 197 -19.21 -4.72 -2.69
CA LEU A 197 -20.21 -3.79 -2.15
C LEU A 197 -21.52 -3.93 -2.90
N SER A 198 -21.47 -3.98 -4.23
N SER A 198 -21.45 -3.98 -4.24
CA SER A 198 -22.71 -3.98 -5.02
CA SER A 198 -22.65 -4.02 -5.06
C SER A 198 -23.53 -5.24 -4.78
C SER A 198 -23.52 -5.23 -4.74
N LYS A 199 -22.87 -6.37 -4.51
CA LYS A 199 -23.56 -7.62 -4.22
C LYS A 199 -23.99 -7.76 -2.77
N GLY A 200 -23.59 -6.83 -1.92
CA GLY A 200 -23.93 -6.87 -0.51
C GLY A 200 -23.11 -7.83 0.32
N VAL A 201 -21.97 -8.30 -0.20
CA VAL A 201 -21.15 -9.22 0.60
C VAL A 201 -20.19 -8.49 1.50
N ILE A 202 -19.98 -7.18 1.31
CA ILE A 202 -19.36 -6.33 2.32
C ILE A 202 -20.21 -5.07 2.50
N ASP A 203 -20.08 -4.48 3.69
CA ASP A 203 -20.74 -3.22 4.07
C ASP A 203 -19.81 -2.03 4.00
N GLY A 204 -18.52 -2.27 3.88
CA GLY A 204 -17.55 -1.20 3.81
C GLY A 204 -16.16 -1.77 3.71
N MET A 205 -15.18 -0.89 3.82
CA MET A 205 -13.81 -1.29 3.61
C MET A 205 -12.89 -0.24 4.20
N VAL A 206 -11.61 -0.60 4.34
CA VAL A 206 -10.55 0.40 4.53
C VAL A 206 -9.75 0.52 3.24
N VAL A 207 -9.50 1.77 2.84
CA VAL A 207 -8.60 2.17 1.77
C VAL A 207 -8.21 3.62 2.05
N PRO A 208 -7.09 4.09 1.52
CA PRO A 208 -6.89 5.54 1.45
C PRO A 208 -7.88 6.14 0.47
N TRP A 209 -8.01 7.46 0.53
CA TRP A 209 -8.88 8.14 -0.41
C TRP A 209 -8.48 7.89 -1.85
N GLU A 210 -7.16 7.88 -2.13
CA GLU A 210 -6.70 8.15 -3.49
C GLU A 210 -7.15 7.08 -4.48
N ILE A 211 -7.31 5.83 -4.03
CA ILE A 211 -7.66 4.72 -4.91
C ILE A 211 -9.14 4.66 -5.17
N MET A 212 -9.95 5.40 -4.41
CA MET A 212 -11.40 5.19 -4.46
C MET A 212 -11.99 5.61 -5.80
N PRO A 213 -11.67 6.79 -6.35
CA PRO A 213 -12.33 7.19 -7.61
C PRO A 213 -12.07 6.24 -8.77
N SER A 214 -10.90 5.59 -8.81
CA SER A 214 -10.58 4.67 -9.90
C SER A 214 -11.57 3.51 -9.99
N PHE A 215 -12.26 3.19 -8.90
CA PHE A 215 -13.23 2.11 -8.88
C PHE A 215 -14.60 2.60 -8.45
N LYS A 216 -14.83 3.92 -8.52
CA LYS A 216 -16.07 4.56 -8.08
C LYS A 216 -16.42 4.23 -6.64
N LEU A 217 -15.42 3.97 -5.79
CA LEU A 217 -15.73 3.54 -4.43
C LEU A 217 -16.35 4.67 -3.61
N HIS A 218 -16.08 5.92 -3.96
CA HIS A 218 -16.68 7.06 -3.29
C HIS A 218 -18.13 7.28 -3.69
N GLU A 219 -18.61 6.59 -4.72
CA GLU A 219 -20.04 6.61 -5.05
C GLU A 219 -20.80 5.45 -4.43
N LEU A 220 -20.09 4.46 -3.89
CA LEU A 220 -20.68 3.30 -3.27
C LEU A 220 -20.61 3.33 -1.75
N THR A 221 -19.87 4.28 -1.18
CA THR A 221 -19.83 4.49 0.26
C THR A 221 -20.07 5.97 0.52
N ALA A 222 -20.87 6.28 1.52
CA ALA A 222 -21.16 7.67 1.84
C ALA A 222 -20.61 8.11 3.18
N ALA A 223 -20.23 7.19 4.05
CA ALA A 223 -19.74 7.55 5.38
C ALA A 223 -18.26 7.22 5.44
N HIS A 224 -17.45 8.17 5.90
CA HIS A 224 -16.00 8.03 5.92
C HIS A 224 -15.49 8.49 7.27
N THR A 225 -14.61 7.71 7.88
CA THR A 225 -13.99 8.06 9.16
C THR A 225 -12.49 8.07 9.02
N THR A 226 -11.86 9.09 9.58
CA THR A 226 -10.42 9.17 9.64
C THR A 226 -10.03 9.32 11.11
N VAL A 227 -8.73 9.45 11.38
CA VAL A 227 -8.27 9.58 12.77
C VAL A 227 -7.42 10.84 12.90
N SER A 228 -7.60 11.52 14.02
CA SER A 228 -6.83 12.70 14.38
C SER A 228 -5.49 12.28 15.02
N GLY A 229 -4.60 13.24 15.13
CA GLY A 229 -3.33 13.02 15.82
C GLY A 229 -2.20 12.73 14.86
N SER A 230 -1.09 12.26 15.44
CA SER A 230 0.16 12.16 14.72
C SER A 230 0.35 10.85 13.97
N ARG A 231 -0.53 9.86 14.17
CA ARG A 231 -0.41 8.58 13.48
C ARG A 231 -1.78 8.16 12.97
N GLY A 232 -1.84 7.75 11.72
CA GLY A 232 -3.08 7.32 11.12
C GLY A 232 -3.39 5.85 11.42
N LEU A 233 -4.51 5.39 10.90
CA LEU A 233 -5.03 4.09 11.30
C LEU A 233 -4.10 2.96 10.89
N TYR A 234 -3.67 2.94 9.63
CA TYR A 234 -2.84 1.87 9.11
C TYR A 234 -2.36 2.32 7.74
N THR A 235 -1.34 1.64 7.24
CA THR A 235 -1.00 1.69 5.83
C THR A 235 -0.60 0.30 5.41
N THR A 236 -0.44 0.10 4.11
CA THR A 236 0.09 -1.18 3.65
C THR A 236 1.19 -0.95 2.62
N PRO A 237 2.32 -1.66 2.73
CA PRO A 237 3.44 -1.42 1.81
C PRO A 237 3.18 -1.84 0.38
N PHE A 238 3.56 -0.96 -0.52
CA PHE A 238 3.63 -1.20 -1.96
C PHE A 238 5.03 -1.65 -2.36
N LEU A 239 5.10 -2.50 -3.38
CA LEU A 239 6.36 -2.97 -3.95
C LEU A 239 6.48 -2.52 -5.40
N PHE A 240 7.55 -1.80 -5.71
CA PHE A 240 7.87 -1.35 -7.08
C PHE A 240 9.18 -2.06 -7.39
N LEU A 241 9.08 -3.13 -8.17
CA LEU A 241 10.14 -4.10 -8.31
C LEU A 241 10.45 -4.37 -9.77
N MET A 242 11.72 -4.67 -10.02
CA MET A 242 12.20 -5.09 -11.33
C MET A 242 12.78 -6.48 -11.21
N ASN A 243 12.63 -7.27 -12.29
CA ASN A 243 13.25 -8.58 -12.33
C ASN A 243 14.76 -8.43 -12.14
N LYS A 244 15.32 -9.21 -11.23
CA LYS A 244 16.72 -9.02 -10.87
C LYS A 244 17.64 -9.33 -12.04
N ALA A 245 17.43 -10.48 -12.71
CA ALA A 245 18.26 -10.81 -13.85
C ALA A 245 18.18 -9.73 -14.94
N LYS A 246 16.99 -9.19 -15.18
CA LYS A 246 16.85 -8.18 -16.22
C LYS A 246 17.65 -6.94 -15.87
N TYR A 247 17.55 -6.49 -14.61
CA TYR A 247 18.34 -5.34 -14.18
C TYR A 247 19.83 -5.64 -14.35
N GLU A 248 20.27 -6.81 -13.91
CA GLU A 248 21.69 -7.13 -13.98
C GLU A 248 22.18 -7.23 -15.41
N SER A 249 21.29 -7.57 -16.35
CA SER A 249 21.66 -7.65 -17.77
C SER A 249 21.82 -6.29 -18.44
N LEU A 250 21.39 -5.21 -17.81
CA LEU A 250 21.47 -3.90 -18.43
C LEU A 250 22.92 -3.46 -18.51
N SER A 251 23.22 -2.66 -19.52
CA SER A 251 24.49 -1.98 -19.58
C SER A 251 24.65 -1.10 -18.36
N ASP A 252 25.90 -0.73 -18.07
CA ASP A 252 26.11 0.13 -16.91
C ASP A 252 25.46 1.51 -17.10
N GLU A 253 25.43 2.04 -18.32
CA GLU A 253 24.75 3.31 -18.53
C GLU A 253 23.25 3.18 -18.30
N HIS A 254 22.66 2.04 -18.69
CA HIS A 254 21.24 1.85 -18.44
C HIS A 254 20.97 1.63 -16.96
N LYS A 255 21.85 0.89 -16.27
CA LYS A 255 21.68 0.73 -14.83
C LYS A 255 21.70 2.09 -14.15
N LYS A 256 22.57 2.99 -14.59
CA LYS A 256 22.65 4.32 -14.00
C LYS A 256 21.34 5.08 -14.14
N VAL A 257 20.67 4.92 -15.29
CA VAL A 257 19.36 5.55 -15.46
C VAL A 257 18.35 4.96 -14.47
N ILE A 258 18.27 3.64 -14.41
CA ILE A 258 17.32 3.01 -13.48
C ILE A 258 17.61 3.47 -12.06
N ASP A 259 18.88 3.48 -11.69
CA ASP A 259 19.21 3.78 -10.32
C ASP A 259 19.02 5.26 -9.99
N ASN A 260 19.15 6.16 -10.99
CA ASN A 260 18.77 7.56 -10.81
C ASN A 260 17.28 7.69 -10.46
N ASN A 261 16.51 6.67 -10.83
CA ASN A 261 15.07 6.60 -10.65
C ASN A 261 14.69 5.47 -9.70
N ALA A 262 15.47 5.32 -8.63
CA ALA A 262 15.23 4.25 -7.67
C ALA A 262 15.78 4.69 -6.31
N GLY A 263 15.57 3.82 -5.32
CA GLY A 263 16.15 4.02 -4.00
C GLY A 263 15.37 4.97 -3.10
N LEU A 264 16.04 5.39 -2.03
CA LEU A 264 15.41 6.23 -1.01
C LEU A 264 14.80 7.50 -1.62
N ALA A 265 15.49 8.13 -2.58
CA ALA A 265 14.96 9.34 -3.17
C ALA A 265 13.66 9.07 -3.91
N LEU A 266 13.53 7.88 -4.50
CA LEU A 266 12.26 7.53 -5.14
C LEU A 266 11.19 7.21 -4.11
N ALA A 267 11.55 6.49 -3.04
CA ALA A 267 10.58 6.18 -1.99
C ALA A 267 10.04 7.47 -1.38
N LYS A 268 10.90 8.46 -1.16
CA LYS A 268 10.44 9.74 -0.63
C LYS A 268 9.51 10.43 -1.62
N LEU A 269 9.91 10.47 -2.89
CA LEU A 269 9.08 11.07 -3.92
C LEU A 269 7.72 10.38 -3.99
N ALA A 270 7.71 9.05 -4.00
CA ALA A 270 6.45 8.31 -4.04
C ALA A 270 5.59 8.65 -2.84
N GLY A 271 6.17 8.67 -1.65
CA GLY A 271 5.40 9.04 -0.47
C GLY A 271 4.77 10.43 -0.57
N GLN A 272 5.57 11.43 -0.96
CA GLN A 272 5.03 12.77 -1.20
C GLN A 272 3.85 12.72 -2.15
N LEU A 273 4.02 12.01 -3.26
CA LEU A 273 2.96 11.95 -4.26
C LEU A 273 1.71 11.32 -3.68
N TRP A 274 1.86 10.22 -2.94
CA TRP A 274 0.70 9.55 -2.36
C TRP A 274 0.00 10.41 -1.31
N ASP A 275 0.75 11.24 -0.58
CA ASP A 275 0.09 12.20 0.30
C ASP A 275 -0.75 13.16 -0.51
N GLY A 276 -0.20 13.67 -1.61
CA GLY A 276 -0.95 14.58 -2.45
C GLY A 276 -2.16 13.96 -3.10
N PHE A 277 -2.07 12.68 -3.47
CA PHE A 277 -3.17 12.01 -4.17
C PHE A 277 -4.43 11.98 -3.33
N GLU A 278 -4.31 12.04 -2.00
CA GLU A 278 -5.49 11.98 -1.14
C GLU A 278 -6.40 13.17 -1.39
N VAL A 279 -5.83 14.33 -1.68
CA VAL A 279 -6.56 15.59 -1.63
C VAL A 279 -7.68 15.63 -2.66
N PRO A 280 -7.41 15.46 -3.97
CA PRO A 280 -8.51 15.51 -4.93
C PRO A 280 -9.50 14.38 -4.78
N ALA A 281 -9.07 13.23 -4.28
CA ALA A 281 -9.98 12.11 -4.09
C ALA A 281 -10.92 12.36 -2.93
N ARG A 282 -10.41 12.92 -1.84
CA ARG A 282 -11.27 13.31 -0.73
C ARG A 282 -12.31 14.32 -1.19
N LYS A 283 -11.89 15.30 -2.00
CA LYS A 283 -12.86 16.27 -2.50
C LYS A 283 -13.94 15.59 -3.33
N LEU A 284 -13.56 14.62 -4.15
CA LEU A 284 -14.58 13.90 -4.93
C LEU A 284 -15.55 13.16 -4.02
N ALA A 285 -15.05 12.59 -2.92
CA ALA A 285 -15.94 11.90 -1.99
C ALA A 285 -16.91 12.86 -1.34
N LEU A 286 -16.44 14.08 -1.01
CA LEU A 286 -17.34 15.08 -0.47
C LEU A 286 -18.33 15.55 -1.53
N ASP A 287 -17.87 15.70 -2.77
CA ASP A 287 -18.81 16.12 -3.81
C ASP A 287 -19.84 15.05 -4.11
N ALA A 288 -19.51 13.79 -3.81
CA ALA A 288 -20.45 12.66 -3.93
C ALA A 288 -21.41 12.56 -2.73
N GLY A 289 -21.40 13.51 -1.81
CA GLY A 289 -22.31 13.49 -0.69
C GLY A 289 -21.82 12.80 0.56
N GLY A 290 -20.51 12.63 0.71
CA GLY A 290 -20.00 11.90 1.86
C GLY A 290 -19.90 12.73 3.13
N THR A 291 -19.99 12.03 4.26
CA THR A 291 -19.62 12.57 5.55
C THR A 291 -18.20 12.17 5.90
N ILE A 292 -17.50 13.05 6.62
CA ILE A 292 -16.15 12.75 7.11
C ILE A 292 -16.13 13.03 8.61
N HIS A 293 -15.86 11.99 9.38
CA HIS A 293 -15.81 12.03 10.83
C HIS A 293 -14.38 11.70 11.25
N SER A 294 -13.84 12.48 12.18
CA SER A 294 -12.46 12.33 12.63
C SER A 294 -12.45 11.85 14.08
N LEU A 295 -11.92 10.65 14.30
CA LEU A 295 -11.86 10.10 15.64
C LEU A 295 -10.85 10.84 16.52
N SER A 296 -11.25 11.10 17.75
CA SER A 296 -10.36 11.67 18.75
C SER A 296 -10.80 11.16 20.11
N GLY A 297 -10.11 11.62 21.14
CA GLY A 297 -10.55 11.39 22.49
C GLY A 297 -10.73 9.92 22.82
N GLY A 298 -11.79 9.63 23.57
CA GLY A 298 -12.08 8.29 24.06
C GLY A 298 -12.23 7.26 22.95
N PRO A 299 -13.09 7.53 21.97
CA PRO A 299 -13.22 6.57 20.85
C PRO A 299 -11.91 6.25 20.17
N LEU A 300 -11.03 7.25 20.00
CA LEU A 300 -9.73 6.99 19.38
C LEU A 300 -8.84 6.18 20.32
N ALA A 301 -8.80 6.55 21.60
CA ALA A 301 -8.00 5.82 22.57
C ALA A 301 -8.40 4.36 22.67
N GLU A 302 -9.69 4.08 22.56
CA GLU A 302 -10.14 2.70 22.59
C GLU A 302 -9.56 1.92 21.42
N MET A 303 -9.54 2.52 20.23
CA MET A 303 -8.95 1.82 19.11
C MET A 303 -7.46 1.66 19.26
N LYS A 304 -6.77 2.67 19.82
CA LYS A 304 -5.33 2.52 20.01
C LYS A 304 -5.00 1.44 21.03
N ALA A 305 -5.85 1.28 22.06
CA ALA A 305 -5.65 0.20 23.03
C ALA A 305 -5.77 -1.17 22.36
N ALA A 306 -6.79 -1.35 21.52
CA ALA A 306 -6.89 -2.58 20.75
C ALA A 306 -5.65 -2.75 19.87
N GLY A 307 -5.13 -1.65 19.35
CA GLY A 307 -3.94 -1.72 18.53
C GLY A 307 -2.75 -2.28 19.28
N GLU A 308 -2.61 -1.93 20.58
CA GLU A 308 -1.50 -2.45 21.35
C GLU A 308 -1.55 -3.97 21.45
N GLY A 309 -2.76 -4.52 21.65
CA GLY A 309 -2.90 -5.98 21.68
C GLY A 309 -2.56 -6.61 20.35
N LEU A 310 -2.93 -5.95 19.25
CA LEU A 310 -2.61 -6.44 17.91
C LEU A 310 -1.12 -6.39 17.65
N GLU A 311 -0.41 -5.38 18.17
CA GLU A 311 1.06 -5.39 18.08
C GLU A 311 1.62 -6.62 18.76
N ALA A 312 1.11 -6.91 19.95
CA ALA A 312 1.59 -8.07 20.68
C ALA A 312 1.30 -9.38 19.94
N ASP A 313 0.10 -9.48 19.35
CA ASP A 313 -0.23 -10.65 18.54
C ASP A 313 0.76 -10.81 17.40
N TRP A 314 1.07 -9.71 16.71
CA TRP A 314 1.97 -9.78 15.57
C TRP A 314 3.37 -10.18 15.98
N ILE A 315 3.90 -9.58 17.06
CA ILE A 315 5.25 -9.92 17.52
C ILE A 315 5.34 -11.42 17.74
N LYS A 316 4.30 -12.00 18.33
CA LYS A 316 4.27 -13.43 18.57
C LYS A 316 4.32 -14.22 17.26
N SER A 317 3.54 -13.80 16.26
N SER A 317 3.55 -13.79 16.25
CA SER A 317 3.54 -14.47 14.96
CA SER A 317 3.56 -14.48 14.96
C SER A 317 4.89 -14.33 14.26
C SER A 317 4.90 -14.33 14.26
N ALA A 318 5.53 -13.17 14.38
CA ALA A 318 6.84 -12.96 13.80
C ALA A 318 7.90 -13.85 14.45
N ASN A 319 7.88 -13.92 15.78
CA ASN A 319 8.83 -14.77 16.48
C ASN A 319 8.72 -16.21 16.00
N ASP A 320 7.48 -16.69 15.82
CA ASP A 320 7.27 -18.08 15.38
C ASP A 320 7.86 -18.33 14.01
N ARG A 321 7.97 -17.28 13.20
CA ARG A 321 8.49 -17.40 11.85
C ARG A 321 9.98 -17.06 11.76
N GLY A 322 10.66 -16.98 12.90
CA GLY A 322 12.09 -16.77 12.92
C GLY A 322 12.53 -15.32 12.86
N LEU A 323 11.64 -14.38 13.10
CA LEU A 323 11.99 -12.97 13.09
C LEU A 323 11.95 -12.43 14.52
N ASP A 324 12.74 -11.39 14.76
CA ASP A 324 12.74 -10.71 16.06
C ASP A 324 11.64 -9.65 16.01
N GLY A 325 10.42 -10.10 16.32
CA GLY A 325 9.25 -9.26 16.14
C GLY A 325 9.36 -7.96 16.91
N ALA A 326 9.75 -8.05 18.19
CA ALA A 326 9.88 -6.84 19.00
C ALA A 326 10.91 -5.88 18.39
N MET A 327 12.05 -6.39 17.95
CA MET A 327 13.06 -5.51 17.34
C MET A 327 12.50 -4.81 16.12
N LEU A 328 11.77 -5.55 15.29
CA LEU A 328 11.28 -5.00 14.03
C LEU A 328 10.22 -3.93 14.26
N VAL A 329 9.33 -4.14 15.23
CA VAL A 329 8.33 -3.12 15.55
C VAL A 329 9.01 -1.84 16.02
N LYS A 330 9.98 -1.96 16.94
CA LYS A 330 10.68 -0.77 17.41
C LYS A 330 11.44 -0.11 16.27
N THR A 331 12.08 -0.91 15.41
CA THR A 331 12.78 -0.36 14.26
C THR A 331 11.84 0.44 13.37
N ALA A 332 10.68 -0.13 13.06
CA ALA A 332 9.72 0.58 12.22
C ALA A 332 9.32 1.90 12.87
N LYS A 333 9.03 1.87 14.17
CA LYS A 333 8.63 3.10 14.85
C LYS A 333 9.74 4.14 14.82
N ASP A 334 10.97 3.71 15.09
CA ASP A 334 12.09 4.64 15.15
C ASP A 334 12.38 5.22 13.77
N LEU A 335 12.28 4.42 12.72
CA LEU A 335 12.51 4.95 11.38
C LEU A 335 11.43 5.95 11.01
N ILE A 336 10.17 5.64 11.34
CA ILE A 336 9.11 6.59 11.03
C ILE A 336 9.34 7.90 11.77
N SER A 337 9.74 7.83 13.04
CA SER A 337 10.03 9.06 13.79
C SER A 337 11.16 9.85 13.14
N LYS A 338 12.19 9.12 12.70
CA LYS A 338 13.33 9.75 12.03
C LYS A 338 12.89 10.62 10.87
N TYR A 339 11.94 10.15 10.06
CA TYR A 339 11.58 10.87 8.84
C TYR A 339 10.36 11.76 9.00
N ASP A 340 9.66 11.70 10.13
CA ASP A 340 8.45 12.49 10.33
C ASP A 340 8.81 13.88 10.84
N LYS A 341 9.45 14.63 9.95
CA LYS A 341 9.95 15.97 10.26
C LYS A 341 9.56 16.90 9.11
#